data_6QTW
#
_entry.id   6QTW
#
_cell.length_a   48.620
_cell.length_b   55.142
_cell.length_c   103.155
_cell.angle_alpha   90.000
_cell.angle_beta   90.000
_cell.angle_gamma   90.000
#
_symmetry.space_group_name_H-M   'P 21 21 21'
#
loop_
_entity.id
_entity.type
_entity.pdbx_description
1 polymer 'E3 ubiquitin-protein ligase COP1'
2 polymer Cryptochrome-1
3 non-polymer 'MALONATE ION'
4 non-polymer GLYCEROL
5 water water
#
loop_
_entity_poly.entity_id
_entity_poly.type
_entity_poly.pdbx_seq_one_letter_code
_entity_poly.pdbx_strand_id
1 'polypeptide(L)'
;GAMTFTRYSRLRVIAEIRHGDIFHSANIVSSIEFDRDDELFATAGVSRCIKVFDFSSVVNEPADMQCPIVEMSTRSKLSC
LSWNKHEKNHIASSDYEGIVTVWDVTTRQSLMEYEEHEKRAWSVDFSRTEPSMLVSGSDDCKVKVW(CSO)TRQEASVIN
IDMKANIC(CSO)VKYNPGSSNYIAVGSADHHIHYYDLRNISQPLHVFSGHKKAVSYVKFLSNNELASASTDSTLRLWDV
KDNLPVRTFRGHTNEKNFVGLTVNSEYLACGSETNEVYVYHKEITRPVTSHRFGSPDMDDAEEEAGSYFISAVCWKSDSP
TMLTANSQGTIKVLVLAA
;
A
2 'polypeptide(L)' (ACE)EDQMVPSITY B
#
# COMPACT_ATOMS: atom_id res chain seq x y z
N ARG A 7 -2.74 -20.45 17.09
CA ARG A 7 -3.46 -20.87 15.90
C ARG A 7 -2.53 -21.04 14.68
N TYR A 8 -1.64 -20.08 14.48
CA TYR A 8 -0.70 -20.11 13.37
C TYR A 8 0.73 -20.03 13.89
N SER A 9 1.62 -20.78 13.28
CA SER A 9 3.03 -20.68 13.61
C SER A 9 3.93 -20.49 12.40
N ARG A 10 3.42 -20.59 11.18
CA ARG A 10 4.27 -20.52 10.00
C ARG A 10 3.50 -19.95 8.83
N LEU A 11 4.25 -19.64 7.77
CA LEU A 11 3.72 -19.26 6.48
C LEU A 11 4.14 -20.33 5.49
N ARG A 12 3.16 -20.96 4.85
CA ARG A 12 3.42 -21.96 3.84
C ARG A 12 3.44 -21.30 2.47
N VAL A 13 4.40 -21.70 1.64
CA VAL A 13 4.46 -21.24 0.27
C VAL A 13 3.54 -22.14 -0.56
N ILE A 14 2.51 -21.55 -1.16
CA ILE A 14 1.64 -22.33 -2.04
C ILE A 14 1.82 -22.03 -3.52
N ALA A 15 2.56 -20.98 -3.90
CA ALA A 15 2.88 -20.72 -5.29
C ALA A 15 4.03 -19.72 -5.33
N GLU A 16 4.81 -19.78 -6.39
CA GLU A 16 5.95 -18.88 -6.58
C GLU A 16 6.02 -18.56 -8.05
N ILE A 17 6.12 -17.28 -8.39
CA ILE A 17 6.36 -16.83 -9.76
C ILE A 17 7.74 -16.20 -9.74
N ARG A 18 8.69 -16.81 -10.45
CA ARG A 18 10.08 -16.33 -10.44
C ARG A 18 10.38 -15.53 -11.70
N ASN A 27 12.30 -6.03 -11.91
CA ASN A 27 13.19 -5.84 -10.74
C ASN A 27 12.31 -5.65 -9.49
N ILE A 28 12.51 -4.56 -8.73
CA ILE A 28 11.73 -4.36 -7.50
C ILE A 28 10.25 -4.28 -7.83
N VAL A 29 9.44 -5.05 -7.13
CA VAL A 29 7.99 -4.95 -7.20
C VAL A 29 7.56 -4.00 -6.10
N SER A 30 7.09 -2.80 -6.49
CA SER A 30 6.66 -1.77 -5.56
C SER A 30 5.26 -2.02 -5.01
N SER A 31 4.43 -2.77 -5.71
CA SER A 31 3.04 -2.89 -5.32
C SER A 31 2.49 -4.20 -5.83
N ILE A 32 1.70 -4.86 -4.98
CA ILE A 32 0.98 -6.08 -5.34
C ILE A 32 -0.40 -5.96 -4.69
N GLU A 33 -1.45 -6.09 -5.49
CA GLU A 33 -2.79 -5.83 -4.99
C GLU A 33 -3.83 -6.72 -5.67
N PHE A 34 -4.80 -7.21 -4.88
CA PHE A 34 -5.96 -7.90 -5.40
C PHE A 34 -7.04 -6.94 -5.89
N ASP A 35 -7.78 -7.37 -6.92
CA ASP A 35 -8.95 -6.63 -7.40
C ASP A 35 -10.12 -6.75 -6.40
N ARG A 36 -11.25 -6.15 -6.78
CA ARG A 36 -12.40 -6.02 -5.89
C ARG A 36 -12.90 -7.37 -5.38
N ASP A 37 -12.69 -8.44 -6.13
CA ASP A 37 -13.23 -9.75 -5.79
C ASP A 37 -12.16 -10.74 -5.33
N ASP A 38 -10.93 -10.27 -5.14
CA ASP A 38 -9.80 -11.17 -4.84
C ASP A 38 -9.69 -12.26 -5.90
N GLU A 39 -9.99 -11.92 -7.15
CA GLU A 39 -9.91 -12.86 -8.26
C GLU A 39 -8.63 -12.65 -9.07
N LEU A 40 -8.37 -11.43 -9.49
CA LEU A 40 -7.13 -11.05 -10.16
C LEU A 40 -6.27 -10.31 -9.17
N PHE A 41 -4.97 -10.32 -9.44
CA PHE A 41 -4.07 -9.42 -8.74
C PHE A 41 -3.12 -8.78 -9.74
N ALA A 42 -2.56 -7.65 -9.35
CA ALA A 42 -1.66 -6.91 -10.22
C ALA A 42 -0.37 -6.59 -9.48
N THR A 43 0.71 -6.51 -10.24
CA THR A 43 2.01 -6.11 -9.73
C THR A 43 2.52 -4.95 -10.57
N ALA A 44 3.37 -4.12 -9.94
CA ALA A 44 4.01 -3.03 -10.65
C ALA A 44 5.26 -2.63 -9.90
N GLY A 45 6.18 -2.02 -10.62
CA GLY A 45 7.39 -1.56 -9.99
C GLY A 45 8.34 -0.86 -10.92
N VAL A 46 9.63 -1.08 -10.72
CA VAL A 46 10.64 -0.34 -11.45
C VAL A 46 10.80 -0.80 -12.89
N SER A 47 10.23 -1.93 -13.27
CA SER A 47 10.30 -2.38 -14.64
C SER A 47 9.32 -1.67 -15.56
N ARG A 48 8.50 -0.76 -15.03
CA ARG A 48 7.64 0.08 -15.88
C ARG A 48 6.57 -0.74 -16.59
N CYS A 49 5.97 -1.68 -15.88
CA CYS A 49 4.94 -2.55 -16.44
CA CYS A 49 4.85 -2.42 -16.44
C CYS A 49 3.96 -2.94 -15.34
N ILE A 50 2.68 -2.84 -15.59
CA ILE A 50 1.65 -3.33 -14.69
C ILE A 50 1.24 -4.69 -15.23
N LYS A 51 1.42 -5.74 -14.43
CA LYS A 51 1.06 -7.09 -14.85
C LYS A 51 -0.12 -7.57 -14.03
N VAL A 52 -1.08 -8.18 -14.69
CA VAL A 52 -2.30 -8.70 -14.06
C VAL A 52 -2.30 -10.21 -14.19
N PHE A 53 -2.50 -10.88 -13.05
CA PHE A 53 -2.51 -12.34 -12.97
C PHE A 53 -3.86 -12.81 -12.43
N ASP A 54 -4.22 -14.04 -12.79
CA ASP A 54 -5.40 -14.71 -12.25
C ASP A 54 -4.97 -15.52 -11.03
N PHE A 55 -5.50 -15.19 -9.85
CA PHE A 55 -5.05 -15.84 -8.63
C PHE A 55 -5.23 -17.36 -8.69
N SER A 56 -6.41 -17.83 -9.08
CA SER A 56 -6.65 -19.27 -9.09
CA SER A 56 -6.62 -19.27 -9.05
C SER A 56 -5.68 -19.99 -10.00
N SER A 57 -5.39 -19.39 -11.17
CA SER A 57 -4.45 -20.01 -12.10
C SER A 57 -3.06 -20.10 -11.49
N VAL A 58 -2.64 -19.04 -10.79
CA VAL A 58 -1.32 -19.03 -10.16
C VAL A 58 -1.23 -20.15 -9.13
N VAL A 59 -2.28 -20.33 -8.33
CA VAL A 59 -2.25 -21.32 -7.28
C VAL A 59 -2.29 -22.73 -7.86
N ASN A 60 -3.03 -22.93 -8.95
CA ASN A 60 -3.24 -24.27 -9.49
C ASN A 60 -2.14 -24.75 -10.43
N GLU A 61 -1.37 -23.85 -11.02
CA GLU A 61 -0.49 -24.18 -12.14
C GLU A 61 0.97 -24.18 -11.72
N PRO A 62 1.87 -24.72 -12.57
CA PRO A 62 3.27 -24.86 -12.18
C PRO A 62 4.14 -23.64 -12.48
N GLN A 66 3.46 -19.56 -15.59
CA GLN A 66 2.79 -18.46 -14.89
C GLN A 66 2.92 -17.16 -15.69
N CYS A 67 1.94 -16.94 -16.58
CA CYS A 67 1.98 -15.79 -17.46
CA CYS A 67 1.94 -15.81 -17.50
C CYS A 67 0.86 -14.81 -17.11
N PRO A 68 1.13 -13.50 -17.15
CA PRO A 68 0.05 -12.55 -16.88
C PRO A 68 -1.00 -12.60 -17.97
N ILE A 69 -2.24 -12.26 -17.58
CA ILE A 69 -3.32 -12.16 -18.56
C ILE A 69 -3.39 -10.79 -19.21
N VAL A 70 -2.75 -9.79 -18.62
CA VAL A 70 -2.62 -8.46 -19.21
C VAL A 70 -1.31 -7.86 -18.72
N GLU A 71 -0.65 -7.10 -19.60
CA GLU A 71 0.49 -6.28 -19.24
C GLU A 71 0.29 -4.91 -19.87
N MET A 72 0.53 -3.86 -19.10
CA MET A 72 0.44 -2.49 -19.58
C MET A 72 1.77 -1.82 -19.31
N SER A 73 2.46 -1.41 -20.37
CA SER A 73 3.73 -0.71 -20.25
C SER A 73 3.49 0.73 -19.86
N THR A 74 4.38 1.28 -19.03
CA THR A 74 4.24 2.63 -18.53
C THR A 74 5.46 3.47 -18.88
N ARG A 75 5.26 4.78 -18.81
CA ARG A 75 6.30 5.76 -19.11
C ARG A 75 7.36 5.80 -18.02
N SER A 76 6.98 5.47 -16.78
CA SER A 76 7.77 5.77 -15.61
C SER A 76 7.70 4.60 -14.65
N LYS A 77 8.70 4.51 -13.78
CA LYS A 77 8.69 3.52 -12.70
C LYS A 77 7.47 3.74 -11.82
N LEU A 78 6.91 2.65 -11.32
CA LEU A 78 5.66 2.69 -10.58
C LEU A 78 5.92 2.51 -9.09
N SER A 79 5.22 3.30 -8.29
CA SER A 79 5.32 3.21 -6.85
C SER A 79 4.16 2.50 -6.18
N CYS A 80 2.96 2.51 -6.77
CA CYS A 80 1.77 2.05 -6.06
C CYS A 80 0.65 1.75 -7.05
N LEU A 81 -0.19 0.78 -6.67
CA LEU A 81 -1.43 0.44 -7.36
C LEU A 81 -2.60 0.47 -6.41
N SER A 82 -3.79 0.76 -6.95
CA SER A 82 -5.01 0.63 -6.18
C SER A 82 -6.15 0.28 -7.11
N TRP A 83 -6.75 -0.90 -6.93
CA TRP A 83 -7.89 -1.26 -7.76
C TRP A 83 -9.15 -0.52 -7.32
N ASN A 84 -10.02 -0.27 -8.28
CA ASN A 84 -11.30 0.36 -7.98
C ASN A 84 -12.18 -0.65 -7.26
N LYS A 85 -12.95 -0.17 -6.30
CA LYS A 85 -13.76 -1.05 -5.47
C LYS A 85 -15.13 -1.30 -6.06
N HIS A 86 -15.51 -0.57 -7.10
CA HIS A 86 -16.80 -0.75 -7.76
C HIS A 86 -16.65 -1.19 -9.20
N GLU A 87 -15.77 -0.54 -9.97
CA GLU A 87 -15.47 -0.91 -11.35
C GLU A 87 -14.41 -2.00 -11.34
N LYS A 88 -14.83 -3.24 -11.60
CA LYS A 88 -13.96 -4.40 -11.52
C LYS A 88 -12.66 -4.19 -12.27
N ASN A 89 -12.74 -3.59 -13.44
CA ASN A 89 -11.64 -3.62 -14.38
C ASN A 89 -10.72 -2.40 -14.27
N HIS A 90 -10.97 -1.50 -13.33
CA HIS A 90 -10.20 -0.26 -13.25
C HIS A 90 -9.17 -0.34 -12.13
N ILE A 91 -7.98 0.19 -12.43
CA ILE A 91 -6.88 0.21 -11.46
C ILE A 91 -6.13 1.51 -11.62
N ALA A 92 -5.76 2.13 -10.49
CA ALA A 92 -4.94 3.33 -10.49
C ALA A 92 -3.48 3.00 -10.20
N SER A 93 -2.59 3.80 -10.77
CA SER A 93 -1.17 3.72 -10.46
C SER A 93 -0.62 5.12 -10.17
N SER A 94 0.45 5.14 -9.38
CA SER A 94 1.25 6.34 -9.18
C SER A 94 2.66 6.04 -9.66
N ASP A 95 3.34 7.05 -10.22
CA ASP A 95 4.66 6.83 -10.82
C ASP A 95 5.67 7.88 -10.39
N TYR A 96 6.92 7.60 -10.74
CA TYR A 96 8.07 8.40 -10.30
C TYR A 96 8.13 9.77 -10.96
N GLU A 97 7.32 10.02 -11.98
CA GLU A 97 7.18 11.35 -12.57
C GLU A 97 6.10 12.17 -11.89
N GLY A 98 5.34 11.57 -10.97
CA GLY A 98 4.24 12.24 -10.32
C GLY A 98 2.89 11.97 -10.93
N ILE A 99 2.84 11.21 -12.02
CA ILE A 99 1.59 10.99 -12.74
CA ILE A 99 1.59 11.00 -12.73
C ILE A 99 0.76 9.95 -11.99
N VAL A 100 -0.52 10.23 -11.87
CA VAL A 100 -1.50 9.30 -11.30
C VAL A 100 -2.40 8.90 -12.46
N THR A 101 -2.45 7.61 -12.77
CA THR A 101 -3.16 7.11 -13.94
C THR A 101 -4.24 6.14 -13.50
N VAL A 102 -5.41 6.24 -14.13
CA VAL A 102 -6.45 5.24 -13.99
C VAL A 102 -6.51 4.46 -15.29
N TRP A 103 -6.38 3.14 -15.19
CA TRP A 103 -6.32 2.23 -16.32
C TRP A 103 -7.53 1.31 -16.34
N ASP A 104 -7.89 0.85 -17.53
CA ASP A 104 -8.84 -0.24 -17.71
C ASP A 104 -8.06 -1.47 -18.18
N VAL A 105 -8.07 -2.52 -17.36
CA VAL A 105 -7.27 -3.72 -17.66
C VAL A 105 -7.85 -4.56 -18.78
N THR A 106 -9.11 -4.35 -19.16
CA THR A 106 -9.65 -5.05 -20.32
C THR A 106 -9.26 -4.37 -21.62
N THR A 107 -9.30 -3.04 -21.68
CA THR A 107 -8.93 -2.35 -22.90
C THR A 107 -7.45 -1.96 -22.97
N ARG A 108 -6.75 -2.04 -21.84
CA ARG A 108 -5.37 -1.63 -21.67
C ARG A 108 -5.17 -0.13 -21.74
N GLN A 109 -6.23 0.66 -21.83
CA GLN A 109 -6.05 2.08 -22.04
C GLN A 109 -5.99 2.83 -20.73
N SER A 110 -5.25 3.94 -20.75
CA SER A 110 -5.33 4.88 -19.65
C SER A 110 -6.64 5.65 -19.83
N LEU A 111 -7.45 5.66 -18.78
CA LEU A 111 -8.70 6.41 -18.79
C LEU A 111 -8.49 7.84 -18.33
N MET A 112 -7.66 8.05 -17.32
CA MET A 112 -7.33 9.38 -16.83
C MET A 112 -5.84 9.42 -16.56
N GLU A 113 -5.22 10.56 -16.87
CA GLU A 113 -3.83 10.81 -16.54
C GLU A 113 -3.80 12.14 -15.80
N TYR A 114 -3.56 12.06 -14.49
CA TYR A 114 -3.55 13.24 -13.64
C TYR A 114 -2.10 13.67 -13.44
N GLU A 115 -1.77 14.90 -13.86
CA GLU A 115 -0.37 15.30 -13.98
C GLU A 115 -0.01 16.53 -13.14
N GLU A 116 -0.80 16.84 -12.12
CA GLU A 116 -0.54 18.05 -11.34
C GLU A 116 0.66 17.92 -10.40
N HIS A 117 0.94 16.73 -9.86
CA HIS A 117 2.07 16.62 -8.97
C HIS A 117 3.35 16.98 -9.71
N GLU A 118 4.27 17.62 -9.00
CA GLU A 118 5.49 18.11 -9.62
C GLU A 118 6.68 17.21 -9.37
N LYS A 119 6.52 16.20 -8.53
CA LYS A 119 7.56 15.24 -8.25
CA LYS A 119 7.57 15.23 -8.25
C LYS A 119 6.90 13.88 -8.10
N ARG A 120 7.73 12.84 -8.05
CA ARG A 120 7.32 11.47 -7.76
C ARG A 120 6.14 11.38 -6.81
N ALA A 121 5.12 10.64 -7.22
CA ALA A 121 4.01 10.29 -6.36
C ALA A 121 4.29 8.91 -5.79
N TRP A 122 4.20 8.78 -4.47
CA TRP A 122 4.53 7.53 -3.81
C TRP A 122 3.34 6.62 -3.61
N SER A 123 2.13 7.15 -3.65
CA SER A 123 0.96 6.40 -3.20
CA SER A 123 1.00 6.32 -3.31
C SER A 123 -0.27 6.88 -3.93
N VAL A 124 -1.20 5.95 -4.18
CA VAL A 124 -2.54 6.24 -4.67
C VAL A 124 -3.50 5.28 -3.99
N ASP A 125 -4.70 5.77 -3.69
CA ASP A 125 -5.74 4.93 -3.07
C ASP A 125 -7.12 5.32 -3.59
N PHE A 126 -7.86 4.33 -4.13
CA PHE A 126 -9.26 4.50 -4.47
C PHE A 126 -10.12 4.29 -3.22
N SER A 127 -11.06 5.21 -2.98
CA SER A 127 -12.00 5.08 -1.88
C SER A 127 -12.92 3.87 -2.07
N ARG A 128 -13.18 3.16 -0.98
CA ARG A 128 -14.11 2.04 -1.04
C ARG A 128 -15.56 2.49 -1.07
N THR A 129 -15.88 3.60 -0.40
CA THR A 129 -17.28 4.00 -0.23
C THR A 129 -17.75 5.05 -1.23
N GLU A 130 -16.85 5.83 -1.82
CA GLU A 130 -17.16 6.74 -2.91
CA GLU A 130 -17.17 6.73 -2.92
C GLU A 130 -16.17 6.35 -4.01
N PRO A 131 -16.49 5.33 -4.80
CA PRO A 131 -15.45 4.66 -5.59
C PRO A 131 -14.91 5.46 -6.75
N SER A 132 -15.51 6.59 -7.10
CA SER A 132 -14.95 7.48 -8.10
CA SER A 132 -14.92 7.45 -8.11
C SER A 132 -13.84 8.37 -7.55
N MET A 133 -13.63 8.34 -6.24
CA MET A 133 -12.64 9.21 -5.62
C MET A 133 -11.33 8.47 -5.37
N LEU A 134 -10.24 9.16 -5.64
CA LEU A 134 -8.92 8.60 -5.36
C LEU A 134 -8.01 9.69 -4.84
N VAL A 135 -7.06 9.30 -4.00
CA VAL A 135 -6.15 10.24 -3.35
C VAL A 135 -4.72 9.83 -3.65
N SER A 136 -3.84 10.81 -3.81
CA SER A 136 -2.43 10.56 -4.04
C SER A 136 -1.57 11.47 -3.15
N GLY A 137 -0.34 11.03 -2.92
CA GLY A 137 0.63 11.81 -2.16
C GLY A 137 2.00 11.74 -2.83
N SER A 138 2.77 12.80 -2.64
CA SER A 138 3.96 13.03 -3.46
C SER A 138 5.13 13.64 -2.68
N ASP A 139 6.33 13.41 -3.21
CA ASP A 139 7.52 14.14 -2.78
C ASP A 139 7.37 15.66 -2.94
N ASP A 140 6.41 16.13 -3.73
CA ASP A 140 6.13 17.56 -3.83
C ASP A 140 5.41 18.13 -2.62
N CYS A 141 5.19 17.31 -1.58
CA CYS A 141 4.60 17.74 -0.32
C CYS A 141 3.12 18.07 -0.44
N LYS A 142 2.45 17.56 -1.48
CA LYS A 142 1.02 17.76 -1.65
CA LYS A 142 1.02 17.76 -1.65
C LYS A 142 0.27 16.43 -1.56
N VAL A 143 -0.95 16.52 -1.01
CA VAL A 143 -1.95 15.46 -1.13
C VAL A 143 -2.98 15.98 -2.10
N LYS A 144 -3.33 15.17 -3.09
CA LYS A 144 -4.36 15.55 -4.07
C LYS A 144 -5.46 14.51 -4.08
N VAL A 145 -6.70 14.99 -4.09
CA VAL A 145 -7.90 14.16 -4.20
C VAL A 145 -8.47 14.39 -5.59
N TRP A 146 -8.76 13.30 -6.28
CA TRP A 146 -9.26 13.30 -7.63
C TRP A 146 -10.59 12.56 -7.71
N THR A 148 -12.81 10.53 -10.79
CA THR A 148 -12.61 9.99 -12.14
C THR A 148 -13.43 10.68 -13.22
N ARG A 149 -14.44 11.46 -12.82
CA ARG A 149 -15.23 12.23 -13.78
C ARG A 149 -14.72 13.65 -14.00
N GLN A 150 -13.60 14.04 -13.38
CA GLN A 150 -13.07 15.39 -13.49
C GLN A 150 -11.58 15.35 -13.75
N GLU A 151 -11.13 16.21 -14.68
CA GLU A 151 -9.71 16.24 -15.05
C GLU A 151 -8.83 16.93 -14.02
N ALA A 152 -9.34 17.95 -13.33
CA ALA A 152 -8.57 18.69 -12.33
C ALA A 152 -8.80 18.14 -10.93
N SER A 153 -7.79 18.26 -10.08
CA SER A 153 -7.94 17.79 -8.71
C SER A 153 -9.11 18.50 -8.03
N VAL A 154 -9.80 17.77 -7.17
CA VAL A 154 -10.93 18.36 -6.45
CA VAL A 154 -10.94 18.28 -6.40
C VAL A 154 -10.49 18.97 -5.12
N ILE A 155 -9.46 18.40 -4.47
CA ILE A 155 -8.90 18.93 -3.22
C ILE A 155 -7.38 18.87 -3.34
N ASN A 156 -6.71 19.90 -2.83
CA ASN A 156 -5.26 19.94 -2.72
C ASN A 156 -4.90 20.35 -1.31
N ILE A 157 -4.04 19.57 -0.65
CA ILE A 157 -3.53 19.89 0.68
C ILE A 157 -2.04 20.14 0.56
N ASP A 158 -1.60 21.33 0.89
CA ASP A 158 -0.18 21.68 0.91
C ASP A 158 0.38 21.33 2.28
N MET A 159 1.33 20.41 2.30
CA MET A 159 1.98 19.91 3.50
CA MET A 159 1.95 20.01 3.55
C MET A 159 3.42 20.41 3.56
N LYS A 160 4.06 20.19 4.72
CA LYS A 160 5.40 20.72 4.92
C LYS A 160 6.51 19.78 4.48
N ALA A 161 6.22 18.50 4.30
CA ALA A 161 7.26 17.52 4.03
C ALA A 161 6.73 16.48 3.05
N ASN A 162 7.65 15.68 2.53
CA ASN A 162 7.32 14.66 1.53
C ASN A 162 6.26 13.72 2.08
N ILE A 163 5.28 13.39 1.24
CA ILE A 163 4.21 12.47 1.60
CA ILE A 163 4.21 12.47 1.60
C ILE A 163 4.56 11.10 1.04
N CYS A 164 4.61 10.12 1.92
CA CYS A 164 5.02 8.77 1.57
C CYS A 164 3.85 7.84 1.31
N VAL A 166 -0.82 7.59 1.47
CA VAL A 166 -2.15 8.14 1.71
C VAL A 166 -3.12 6.98 1.66
N LYS A 167 -4.13 6.96 2.52
CA LYS A 167 -5.11 5.90 2.52
C LYS A 167 -6.45 6.46 3.00
N TYR A 168 -7.52 6.09 2.28
CA TYR A 168 -8.87 6.42 2.70
C TYR A 168 -9.31 5.52 3.84
N ASN A 169 -10.04 6.10 4.78
CA ASN A 169 -10.76 5.31 5.76
C ASN A 169 -11.72 4.37 5.04
N PRO A 170 -11.85 3.11 5.49
CA PRO A 170 -12.69 2.14 4.75
C PRO A 170 -14.17 2.41 4.88
N GLY A 171 -14.59 3.21 5.85
CA GLY A 171 -15.99 3.45 6.12
C GLY A 171 -16.55 4.75 5.60
N SER A 172 -15.66 5.70 5.28
CA SER A 172 -16.10 7.02 4.86
C SER A 172 -15.02 7.68 4.03
N SER A 173 -15.45 8.27 2.91
CA SER A 173 -14.56 9.00 2.04
C SER A 173 -14.22 10.37 2.58
N ASN A 174 -14.71 10.73 3.75
CA ASN A 174 -14.32 12.02 4.30
C ASN A 174 -13.01 12.00 5.04
N TYR A 175 -12.42 10.83 5.32
CA TYR A 175 -11.20 10.78 6.11
C TYR A 175 -10.06 10.09 5.36
N ILE A 176 -8.88 10.69 5.42
CA ILE A 176 -7.67 10.08 4.91
C ILE A 176 -6.58 10.13 5.97
N ALA A 177 -5.76 9.08 6.00
CA ALA A 177 -4.51 9.07 6.75
C ALA A 177 -3.36 9.38 5.80
N VAL A 178 -2.44 10.23 6.26
CA VAL A 178 -1.31 10.71 5.45
C VAL A 178 -0.04 10.45 6.26
N GLY A 179 0.82 9.56 5.75
CA GLY A 179 2.11 9.31 6.36
C GLY A 179 3.17 10.18 5.74
N SER A 180 3.91 10.88 6.58
CA SER A 180 4.82 11.92 6.13
C SER A 180 6.26 11.64 6.53
N ALA A 181 7.17 12.18 5.72
CA ALA A 181 8.59 12.18 6.06
C ALA A 181 8.89 12.97 7.33
N ASP A 182 7.94 13.75 7.83
CA ASP A 182 8.12 14.47 9.07
C ASP A 182 7.94 13.58 10.30
N HIS A 183 7.70 12.30 10.11
CA HIS A 183 7.61 11.25 11.12
C HIS A 183 6.20 11.11 11.67
N HIS A 184 5.23 11.91 11.21
CA HIS A 184 3.90 11.91 11.79
C HIS A 184 2.87 11.36 10.81
N ILE A 185 1.75 10.92 11.36
CA ILE A 185 0.56 10.59 10.58
C ILE A 185 -0.42 11.75 10.72
N HIS A 186 -0.77 12.37 9.60
CA HIS A 186 -1.74 13.45 9.59
C HIS A 186 -3.08 12.87 9.15
N TYR A 187 -4.07 12.97 10.02
CA TYR A 187 -5.39 12.39 9.77
C TYR A 187 -6.34 13.53 9.45
N TYR A 188 -6.81 13.56 8.21
CA TYR A 188 -7.61 14.67 7.72
C TYR A 188 -9.08 14.31 7.53
N ASP A 189 -9.93 15.27 7.85
CA ASP A 189 -11.31 15.33 7.40
C ASP A 189 -11.33 16.22 6.17
N LEU A 190 -11.61 15.63 5.02
CA LEU A 190 -11.56 16.35 3.75
C LEU A 190 -12.65 17.42 3.63
N ARG A 191 -13.62 17.44 4.54
CA ARG A 191 -14.60 18.52 4.58
C ARG A 191 -14.03 19.81 5.13
N ASN A 192 -12.89 19.76 5.81
CA ASN A 192 -12.22 20.98 6.28
C ASN A 192 -10.71 20.69 6.36
N ILE A 193 -10.01 21.02 5.28
CA ILE A 193 -8.59 20.69 5.19
C ILE A 193 -7.67 21.77 5.77
N SER A 194 -8.22 22.81 6.38
CA SER A 194 -7.36 23.85 6.92
C SER A 194 -6.51 23.34 8.07
N GLN A 195 -6.98 22.33 8.79
CA GLN A 195 -6.18 21.65 9.80
C GLN A 195 -6.55 20.17 9.78
N PRO A 196 -5.61 19.29 10.09
CA PRO A 196 -5.99 17.88 10.27
C PRO A 196 -6.88 17.70 11.50
N LEU A 197 -7.65 16.62 11.51
CA LEU A 197 -8.37 16.25 12.73
C LEU A 197 -7.41 15.97 13.87
N HIS A 198 -6.29 15.29 13.56
CA HIS A 198 -5.32 14.90 14.57
C HIS A 198 -4.04 14.56 13.84
N VAL A 199 -2.92 14.76 14.52
CA VAL A 199 -1.61 14.35 14.02
C VAL A 199 -1.01 13.41 15.05
N PHE A 200 -0.72 12.18 14.62
CA PHE A 200 -0.21 11.13 15.49
C PHE A 200 1.31 11.12 15.43
N SER A 201 1.93 11.43 16.56
CA SER A 201 3.36 11.32 16.73
CA SER A 201 3.36 11.34 16.75
C SER A 201 3.70 10.04 17.48
N GLY A 202 4.87 9.50 17.18
CA GLY A 202 5.35 8.30 17.82
C GLY A 202 6.49 7.68 17.03
N HIS A 203 6.33 7.57 15.73
CA HIS A 203 7.42 7.09 14.90
C HIS A 203 8.61 8.05 14.95
N LYS A 204 9.80 7.47 14.85
CA LYS A 204 11.05 8.23 14.98
C LYS A 204 11.70 8.51 13.63
N LYS A 205 11.07 8.03 12.55
CA LYS A 205 11.52 8.26 11.19
C LYS A 205 10.27 8.44 10.34
N ALA A 206 10.48 8.64 9.04
CA ALA A 206 9.36 8.80 8.11
C ALA A 206 8.36 7.66 8.23
N VAL A 207 7.09 8.02 8.02
CA VAL A 207 6.01 7.04 7.99
C VAL A 207 5.80 6.61 6.55
N SER A 208 6.13 5.36 6.25
CA SER A 208 6.14 4.86 4.89
C SER A 208 4.82 4.24 4.44
N TYR A 209 4.00 3.71 5.36
CA TYR A 209 2.69 3.16 5.01
C TYR A 209 1.66 3.49 6.07
N VAL A 210 0.42 3.64 5.64
CA VAL A 210 -0.75 3.71 6.52
C VAL A 210 -1.83 2.81 5.93
N LYS A 211 -2.41 1.96 6.77
CA LYS A 211 -3.45 1.03 6.36
CA LYS A 211 -3.45 1.03 6.36
C LYS A 211 -4.44 0.84 7.51
N PHE A 212 -5.73 0.79 7.19
CA PHE A 212 -6.76 0.62 8.19
C PHE A 212 -7.15 -0.85 8.38
N LEU A 213 -7.20 -1.27 9.65
CA LEU A 213 -7.79 -2.58 9.94
C LEU A 213 -9.31 -2.51 10.00
N SER A 214 -9.87 -1.34 10.25
CA SER A 214 -11.31 -1.17 10.43
C SER A 214 -11.55 0.33 10.42
N ASN A 215 -12.80 0.72 10.63
CA ASN A 215 -13.13 2.15 10.59
C ASN A 215 -12.32 2.96 11.60
N ASN A 216 -12.00 2.37 12.75
CA ASN A 216 -11.40 3.14 13.85
C ASN A 216 -9.97 2.73 14.16
N GLU A 217 -9.43 1.72 13.48
CA GLU A 217 -8.10 1.19 13.76
C GLU A 217 -7.20 1.43 12.57
N LEU A 218 -6.11 2.19 12.79
CA LEU A 218 -5.16 2.55 11.76
C LEU A 218 -3.81 1.97 12.12
N ALA A 219 -3.13 1.36 11.14
CA ALA A 219 -1.78 0.88 11.31
C ALA A 219 -0.83 1.70 10.43
N SER A 220 0.42 1.76 10.87
CA SER A 220 1.46 2.48 10.14
C SER A 220 2.75 1.69 10.19
N ALA A 221 3.60 1.94 9.21
CA ALA A 221 4.96 1.44 9.18
C ALA A 221 5.91 2.62 9.00
N SER A 222 7.16 2.43 9.42
CA SER A 222 8.14 3.51 9.42
C SER A 222 9.53 2.92 9.30
N THR A 223 10.45 3.72 8.79
CA THR A 223 11.86 3.32 8.74
C THR A 223 12.56 3.44 10.09
N ASP A 224 11.80 3.53 11.17
CA ASP A 224 12.30 3.31 12.52
C ASP A 224 12.17 1.84 12.93
N SER A 225 11.91 0.95 11.98
CA SER A 225 11.82 -0.49 12.22
C SER A 225 10.68 -0.85 13.14
N THR A 226 9.58 -0.08 13.10
CA THR A 226 8.37 -0.43 13.85
C THR A 226 7.14 -0.36 12.96
N LEU A 227 6.13 -1.12 13.34
CA LEU A 227 4.75 -0.84 12.98
C LEU A 227 4.07 -0.27 14.21
N ARG A 228 3.05 0.55 14.01
CA ARG A 228 2.29 1.09 15.12
C ARG A 228 0.80 1.02 14.81
N LEU A 229 0.02 0.86 15.87
CA LEU A 229 -1.44 0.79 15.81
C LEU A 229 -2.01 1.98 16.56
N TRP A 230 -3.05 2.60 15.98
CA TRP A 230 -3.60 3.84 16.46
C TRP A 230 -5.13 3.75 16.43
N ASP A 231 -5.75 4.51 17.32
CA ASP A 231 -7.21 4.60 17.45
C ASP A 231 -7.60 5.97 16.90
N VAL A 232 -8.29 5.99 15.76
CA VAL A 232 -8.64 7.24 15.09
C VAL A 232 -10.02 7.72 15.48
N LYS A 233 -10.69 7.03 16.40
CA LYS A 233 -11.90 7.57 16.98
C LYS A 233 -11.58 8.48 18.15
N ASP A 234 -10.73 7.99 19.07
CA ASP A 234 -10.37 8.73 20.25
C ASP A 234 -8.95 9.30 20.21
N ASN A 235 -8.24 9.13 19.10
CA ASN A 235 -6.94 9.74 18.83
C ASN A 235 -5.88 9.31 19.81
N LEU A 236 -5.65 8.01 19.88
CA LEU A 236 -4.79 7.42 20.88
C LEU A 236 -3.77 6.50 20.23
N PRO A 237 -2.55 6.47 20.76
CA PRO A 237 -1.63 5.36 20.42
C PRO A 237 -2.16 4.10 21.06
N VAL A 238 -1.96 2.97 20.38
CA VAL A 238 -2.39 1.68 20.91
C VAL A 238 -1.20 0.75 21.18
N ARG A 239 -0.39 0.45 20.15
CA ARG A 239 0.61 -0.60 20.25
C ARG A 239 1.73 -0.34 19.26
N THR A 240 2.94 -0.80 19.59
CA THR A 240 4.10 -0.79 18.71
C THR A 240 4.57 -2.22 18.50
N PHE A 241 4.86 -2.57 17.25
CA PHE A 241 5.26 -3.90 16.84
C PHE A 241 6.72 -3.88 16.38
N ARG A 242 7.50 -4.86 16.84
CA ARG A 242 8.93 -4.88 16.60
CA ARG A 242 8.93 -4.88 16.57
C ARG A 242 9.40 -6.30 16.28
N GLY A 243 10.45 -6.39 15.48
CA GLY A 243 11.11 -7.64 15.15
C GLY A 243 11.80 -7.60 13.79
N HIS A 244 11.18 -6.93 12.83
CA HIS A 244 11.69 -6.82 11.48
C HIS A 244 12.72 -5.70 11.38
N THR A 245 13.42 -5.67 10.25
CA THR A 245 14.44 -4.65 9.99
C THR A 245 13.94 -3.78 8.83
N ASN A 246 13.73 -2.50 9.12
CA ASN A 246 13.27 -1.57 8.08
C ASN A 246 13.83 -0.20 8.40
N GLU A 247 15.01 0.09 7.87
CA GLU A 247 15.68 1.36 8.12
C GLU A 247 15.81 2.23 6.89
N LYS A 248 15.42 1.75 5.71
CA LYS A 248 15.77 2.43 4.46
C LYS A 248 14.67 2.36 3.40
N ASN A 249 14.14 1.18 3.13
CA ASN A 249 13.31 0.95 1.95
C ASN A 249 11.83 0.94 2.26
N PHE A 250 11.03 1.11 1.21
CA PHE A 250 9.63 0.74 1.29
C PHE A 250 9.56 -0.78 1.22
N VAL A 251 9.13 -1.45 2.30
CA VAL A 251 9.14 -2.91 2.38
C VAL A 251 7.76 -3.52 2.43
N GLY A 252 6.70 -2.72 2.34
CA GLY A 252 5.34 -3.24 2.32
C GLY A 252 4.67 -3.32 3.68
N LEU A 253 3.39 -2.95 3.73
CA LEU A 253 2.52 -3.16 4.87
C LEU A 253 1.14 -3.55 4.37
N THR A 254 0.58 -4.59 4.96
CA THR A 254 -0.80 -4.98 4.66
C THR A 254 -1.44 -5.43 5.96
N VAL A 255 -2.71 -5.05 6.14
CA VAL A 255 -3.46 -5.38 7.34
C VAL A 255 -4.83 -5.90 6.95
N ASN A 256 -5.41 -6.67 7.87
CA ASN A 256 -6.83 -7.05 7.80
C ASN A 256 -7.42 -6.87 9.19
N SER A 257 -8.54 -7.54 9.47
CA SER A 257 -9.25 -7.26 10.71
CA SER A 257 -9.26 -7.27 10.72
C SER A 257 -8.42 -7.61 11.94
N GLU A 258 -7.51 -8.59 11.82
CA GLU A 258 -6.74 -9.09 12.94
C GLU A 258 -5.23 -9.05 12.80
N TYR A 259 -4.68 -9.03 11.59
CA TYR A 259 -3.25 -9.25 11.40
C TYR A 259 -2.61 -8.10 10.63
N LEU A 260 -1.33 -7.89 10.93
CA LEU A 260 -0.48 -6.99 10.19
C LEU A 260 0.65 -7.80 9.59
N ALA A 261 0.99 -7.54 8.34
CA ALA A 261 2.17 -8.16 7.76
C ALA A 261 3.01 -7.08 7.10
N CYS A 262 4.32 -7.27 7.17
CA CYS A 262 5.23 -6.31 6.57
C CYS A 262 6.48 -7.01 6.08
N GLY A 263 7.19 -6.33 5.19
CA GLY A 263 8.48 -6.82 4.72
C GLY A 263 9.61 -6.44 5.66
N SER A 264 10.81 -6.80 5.24
CA SER A 264 12.01 -6.52 6.01
CA SER A 264 12.02 -6.58 6.02
C SER A 264 13.19 -6.51 5.06
N GLU A 265 14.21 -5.74 5.44
CA GLU A 265 15.43 -5.66 4.65
C GLU A 265 16.31 -6.88 4.84
N THR A 266 15.88 -7.84 5.65
CA THR A 266 16.49 -9.16 5.74
C THR A 266 15.87 -10.17 4.77
N ASN A 267 15.03 -9.70 3.86
CA ASN A 267 14.37 -10.58 2.88
C ASN A 267 13.46 -11.58 3.57
N GLU A 268 12.78 -11.12 4.61
CA GLU A 268 11.84 -11.91 5.38
C GLU A 268 10.51 -11.18 5.46
N VAL A 269 9.42 -11.93 5.36
CA VAL A 269 8.08 -11.43 5.63
C VAL A 269 7.75 -11.71 7.10
N TYR A 270 7.18 -10.71 7.77
CA TYR A 270 6.79 -10.80 9.17
C TYR A 270 5.28 -10.67 9.28
N VAL A 271 4.68 -11.46 10.17
CA VAL A 271 3.27 -11.35 10.51
C VAL A 271 3.13 -11.11 11.99
N TYR A 272 2.32 -10.11 12.34
CA TYR A 272 1.94 -9.82 13.71
C TYR A 272 0.43 -9.95 13.85
N HIS A 273 -0.02 -10.49 14.98
CA HIS A 273 -1.40 -10.33 15.38
C HIS A 273 -1.50 -8.98 16.09
N LYS A 274 -2.61 -8.27 15.86
CA LYS A 274 -2.71 -6.90 16.32
C LYS A 274 -2.63 -6.75 17.83
N GLU A 275 -2.82 -7.81 18.59
CA GLU A 275 -2.77 -7.75 20.04
C GLU A 275 -1.41 -8.13 20.61
N ILE A 276 -0.46 -8.55 19.78
N ILE A 276 -0.45 -8.53 19.78
CA ILE A 276 0.83 -9.07 20.21
CA ILE A 276 0.82 -9.08 20.23
C ILE A 276 1.92 -8.22 19.58
C ILE A 276 1.96 -8.30 19.57
N THR A 277 2.89 -7.79 20.40
CA THR A 277 3.89 -6.85 19.91
C THR A 277 5.04 -7.51 19.15
N ARG A 278 5.27 -8.81 19.31
CA ARG A 278 6.34 -9.49 18.58
C ARG A 278 5.74 -10.52 17.63
N PRO A 279 6.48 -10.93 16.60
CA PRO A 279 5.84 -11.63 15.49
C PRO A 279 5.24 -12.97 15.87
N VAL A 280 4.09 -13.29 15.24
CA VAL A 280 3.63 -14.66 15.38
CA VAL A 280 3.52 -14.63 15.26
C VAL A 280 4.36 -15.59 14.41
N THR A 281 4.85 -15.09 13.28
CA THR A 281 5.72 -15.90 12.43
C THR A 281 6.46 -15.01 11.47
N SER A 282 7.38 -15.63 10.74
CA SER A 282 8.18 -14.97 9.73
C SER A 282 8.56 -16.01 8.68
N HIS A 283 8.91 -15.53 7.49
CA HIS A 283 9.26 -16.39 6.38
C HIS A 283 10.46 -15.80 5.66
N ARG A 284 11.53 -16.59 5.52
CA ARG A 284 12.68 -16.19 4.72
C ARG A 284 12.36 -16.44 3.25
N PHE A 285 12.46 -15.39 2.44
CA PHE A 285 12.09 -15.50 1.02
C PHE A 285 13.04 -16.41 0.26
N SER A 299 21.19 -8.29 0.74
CA SER A 299 21.21 -8.19 -0.71
C SER A 299 19.80 -8.03 -1.30
N TYR A 300 18.77 -8.46 -0.58
CA TYR A 300 17.40 -8.32 -1.06
C TYR A 300 16.48 -7.87 0.06
N PHE A 301 15.38 -7.21 -0.32
CA PHE A 301 14.37 -6.77 0.63
C PHE A 301 12.99 -7.15 0.12
N ILE A 302 12.11 -7.53 1.05
CA ILE A 302 10.70 -7.64 0.70
C ILE A 302 10.23 -6.25 0.31
N SER A 303 9.41 -6.16 -0.74
CA SER A 303 9.06 -4.88 -1.31
C SER A 303 7.56 -4.63 -1.42
N ALA A 304 6.73 -5.65 -1.27
CA ALA A 304 5.28 -5.46 -1.37
C ALA A 304 4.58 -6.66 -0.77
N VAL A 305 3.47 -6.41 -0.07
CA VAL A 305 2.67 -7.47 0.54
C VAL A 305 1.19 -7.11 0.45
N CYS A 306 0.31 -8.11 0.42
CA CYS A 306 -1.13 -7.86 0.35
CA CYS A 306 -1.12 -7.83 0.43
C CYS A 306 -1.93 -9.06 0.84
N TRP A 307 -2.69 -8.89 1.92
CA TRP A 307 -3.57 -9.98 2.36
C TRP A 307 -4.68 -10.20 1.33
N LYS A 308 -5.13 -11.44 1.26
CA LYS A 308 -6.38 -11.79 0.56
C LYS A 308 -7.51 -11.58 1.55
N SER A 309 -7.95 -10.35 1.64
CA SER A 309 -9.00 -9.91 2.58
C SER A 309 -8.72 -10.43 3.98
N ASP A 310 -9.71 -10.98 4.69
CA ASP A 310 -9.53 -11.42 6.05
CA ASP A 310 -9.55 -11.43 6.05
C ASP A 310 -9.07 -12.87 6.16
N SER A 311 -8.61 -13.46 5.09
CA SER A 311 -8.16 -14.84 5.08
C SER A 311 -6.70 -14.91 5.45
N PRO A 312 -6.20 -16.11 5.76
CA PRO A 312 -4.78 -16.31 6.06
C PRO A 312 -3.87 -16.30 4.85
N THR A 313 -4.42 -16.10 3.65
CA THR A 313 -3.63 -16.07 2.43
C THR A 313 -3.12 -14.67 2.13
N MET A 314 -1.90 -14.59 1.59
CA MET A 314 -1.20 -13.33 1.35
CA MET A 314 -1.33 -13.30 1.27
C MET A 314 -0.42 -13.40 0.05
N LEU A 315 -0.36 -12.29 -0.68
CA LEU A 315 0.58 -12.12 -1.76
C LEU A 315 1.81 -11.38 -1.25
N THR A 316 2.98 -11.74 -1.80
CA THR A 316 4.23 -11.12 -1.37
C THR A 316 5.15 -11.01 -2.57
N ALA A 317 6.05 -10.02 -2.55
CA ALA A 317 7.02 -9.85 -3.62
C ALA A 317 8.25 -9.18 -3.05
N ASN A 318 9.40 -9.39 -3.69
CA ASN A 318 10.63 -8.83 -3.20
C ASN A 318 11.40 -8.07 -4.28
N SER A 319 12.56 -7.56 -3.87
CA SER A 319 13.32 -6.66 -4.71
C SER A 319 13.95 -7.36 -5.91
N GLN A 320 13.97 -8.69 -5.93
CA GLN A 320 14.41 -9.44 -7.10
C GLN A 320 13.29 -9.64 -8.11
N GLY A 321 12.06 -9.31 -7.73
CA GLY A 321 10.94 -9.51 -8.62
C GLY A 321 10.20 -10.81 -8.44
N THR A 322 10.59 -11.61 -7.45
CA THR A 322 9.89 -12.86 -7.19
C THR A 322 8.59 -12.58 -6.47
N ILE A 323 7.56 -13.30 -6.84
CA ILE A 323 6.25 -13.24 -6.20
C ILE A 323 5.99 -14.57 -5.52
N LYS A 324 5.51 -14.53 -4.29
CA LYS A 324 5.05 -15.75 -3.63
C LYS A 324 3.66 -15.56 -3.06
N VAL A 325 2.86 -16.61 -3.15
CA VAL A 325 1.59 -16.71 -2.44
C VAL A 325 1.86 -17.52 -1.19
N LEU A 326 1.61 -16.91 -0.03
CA LEU A 326 1.84 -17.52 1.27
C LEU A 326 0.50 -17.70 2.00
N VAL A 327 0.46 -18.67 2.91
CA VAL A 327 -0.72 -18.88 3.74
CA VAL A 327 -0.72 -18.88 3.74
C VAL A 327 -0.27 -19.15 5.17
N LEU A 328 -0.83 -18.40 6.10
CA LEU A 328 -0.62 -18.68 7.51
C LEU A 328 -1.15 -20.06 7.83
N ALA A 329 -0.37 -20.83 8.59
CA ALA A 329 -0.78 -22.20 8.87
C ALA A 329 -0.32 -22.60 10.27
N ALA A 330 -1.01 -23.59 10.81
CA ALA A 330 -0.66 -24.17 12.08
C ALA A 330 0.77 -24.70 12.02
N GLU B 2 18.63 5.62 -6.15
CA GLU B 2 18.21 4.29 -5.71
C GLU B 2 16.71 4.21 -5.43
N ASP B 3 16.09 3.12 -5.87
CA ASP B 3 14.65 3.04 -5.99
C ASP B 3 13.99 2.51 -4.71
N GLN B 4 12.72 2.88 -4.54
CA GLN B 4 11.92 2.45 -3.40
C GLN B 4 12.63 2.73 -2.08
N MET B 5 13.24 3.91 -1.98
CA MET B 5 13.86 4.37 -0.75
CA MET B 5 13.87 4.38 -0.75
C MET B 5 12.96 5.41 -0.11
N VAL B 6 12.67 5.23 1.17
CA VAL B 6 11.77 6.14 1.88
C VAL B 6 12.47 7.48 2.10
N PRO B 7 11.85 8.61 1.74
CA PRO B 7 12.53 9.89 1.93
C PRO B 7 12.84 10.14 3.40
N SER B 8 13.96 10.81 3.62
CA SER B 8 14.58 10.92 4.94
C SER B 8 14.60 12.36 5.46
#